data_3DAV
#
_entry.id   3DAV
#
_cell.length_a   35.873
_cell.length_b   82.426
_cell.length_c   39.742
_cell.angle_alpha   90.00
_cell.angle_beta   92.59
_cell.angle_gamma   90.00
#
_symmetry.space_group_name_H-M   'P 1 21 1'
#
loop_
_entity.id
_entity.type
_entity.pdbx_description
1 polymer Profilin
2 non-polymer 'SODIUM ION'
3 water water
#
_entity_poly.entity_id   1
_entity_poly.type   'polypeptide(L)'
_entity_poly.pdbx_seq_one_letter_code
;MSWQAYVDTSLLGTGKIDRAAIVSRAGDSVWAASAGFNLSPQEIQGLAAGFQDPPSMFGTGIILAGQKYITIRAEGRSIY
GKLQKEGIICVATKLCILVSHYPETTLPGEAAKITEALADYLVGVGY
;
_entity_poly.pdbx_strand_id   A,B
#
loop_
_chem_comp.id
_chem_comp.type
_chem_comp.name
_chem_comp.formula
NA non-polymer 'SODIUM ION' 'Na 1'
#
# COMPACT_ATOMS: atom_id res chain seq x y z
N SER A 2 -11.99 9.86 3.90
CA SER A 2 -11.73 10.34 5.29
C SER A 2 -10.61 9.51 5.90
N TRP A 3 -10.00 10.04 6.96
CA TRP A 3 -9.02 9.27 7.72
C TRP A 3 -9.67 8.09 8.45
N GLN A 4 -10.91 8.26 8.87
CA GLN A 4 -11.69 7.17 9.49
C GLN A 4 -11.91 6.00 8.54
N ALA A 5 -12.14 6.32 7.27
CA ALA A 5 -12.28 5.31 6.21
C ALA A 5 -11.03 4.47 6.06
N TYR A 6 -9.86 5.08 6.27
CA TYR A 6 -8.61 4.32 6.27
C TYR A 6 -8.54 3.36 7.45
N VAL A 7 -8.97 3.81 8.62
CA VAL A 7 -8.97 2.97 9.82
C VAL A 7 -9.95 1.81 9.65
N ASP A 8 -11.20 2.12 9.29
CA ASP A 8 -12.26 1.14 9.19
C ASP A 8 -12.07 0.17 8.00
N THR A 9 -12.01 0.73 6.80
CA THR A 9 -11.96 -0.09 5.60
C THR A 9 -10.59 -0.71 5.34
N SER A 10 -9.54 0.11 5.41
CA SER A 10 -8.21 -0.33 4.98
C SER A 10 -7.45 -1.13 6.01
N LEU A 11 -7.60 -0.78 7.29
CA LEU A 11 -6.89 -1.49 8.36
C LEU A 11 -7.76 -2.57 9.03
N LEU A 12 -8.82 -2.15 9.74
CA LEU A 12 -9.74 -3.10 10.39
C LEU A 12 -10.39 -4.06 9.38
N GLY A 13 -10.66 -3.54 8.18
CA GLY A 13 -11.33 -4.32 7.13
C GLY A 13 -10.54 -5.49 6.58
N THR A 14 -9.26 -5.57 6.93
CA THR A 14 -8.39 -6.68 6.51
C THR A 14 -8.71 -7.97 7.29
N GLY A 15 -9.29 -7.83 8.48
CA GLY A 15 -9.52 -8.96 9.36
C GLY A 15 -8.30 -9.38 10.18
N LYS A 16 -7.20 -8.63 10.04
CA LYS A 16 -5.93 -9.01 10.66
C LYS A 16 -5.46 -7.98 11.69
N ILE A 17 -6.13 -6.85 11.70
CA ILE A 17 -5.79 -5.75 12.60
C ILE A 17 -7.09 -5.41 13.34
N ASP A 18 -7.08 -5.58 14.66
CA ASP A 18 -8.31 -5.49 15.43
C ASP A 18 -8.56 -4.11 16.02
N ARG A 19 -7.51 -3.29 16.08
CA ARG A 19 -7.62 -1.92 16.56
C ARG A 19 -6.64 -1.05 15.78
N ALA A 20 -7.06 0.16 15.43
CA ALA A 20 -6.16 1.07 14.72
C ALA A 20 -6.41 2.54 15.01
N ALA A 21 -5.38 3.34 14.79
CA ALA A 21 -5.48 4.78 14.80
C ALA A 21 -4.58 5.40 13.75
N ILE A 22 -4.94 6.61 13.32
CA ILE A 22 -4.08 7.46 12.52
C ILE A 22 -3.89 8.76 13.27
N VAL A 23 -2.63 9.10 13.53
CA VAL A 23 -2.29 10.29 14.30
C VAL A 23 -1.35 11.19 13.51
N SER A 24 -1.40 12.49 13.78
CA SER A 24 -0.48 13.44 13.18
C SER A 24 0.95 12.99 13.41
N ARG A 25 1.82 13.28 12.44
CA ARG A 25 3.22 12.86 12.50
C ARG A 25 3.98 13.63 13.56
N ALA A 26 3.53 14.85 13.83
CA ALA A 26 4.12 15.67 14.87
C ALA A 26 3.66 15.25 16.28
N GLY A 27 2.62 14.42 16.34
CA GLY A 27 2.12 13.91 17.61
C GLY A 27 1.25 14.88 18.40
N ASP A 28 0.66 15.86 17.70
CA ASP A 28 -0.23 16.84 18.35
C ASP A 28 -1.73 16.54 18.28
N SER A 29 -2.13 15.47 17.58
CA SER A 29 -3.55 15.03 17.55
C SER A 29 -3.82 13.66 16.94
N VAL A 30 -4.99 13.12 17.29
CA VAL A 30 -5.52 11.90 16.68
C VAL A 30 -6.49 12.30 15.57
N TRP A 31 -6.19 11.91 14.34
CA TRP A 31 -7.02 12.25 13.18
C TRP A 31 -8.17 11.28 13.02
N ALA A 32 -7.96 10.02 13.43
CA ALA A 32 -8.99 8.98 13.38
C ALA A 32 -8.55 7.81 14.25
N ALA A 33 -9.52 7.13 14.87
CA ALA A 33 -9.26 5.97 15.71
C ALA A 33 -10.47 5.05 15.80
N SER A 34 -10.22 3.76 15.90
CA SER A 34 -11.29 2.77 16.08
C SER A 34 -11.85 2.89 17.49
N ALA A 35 -13.07 2.42 17.67
CA ALA A 35 -13.80 2.59 18.93
C ALA A 35 -13.09 2.03 20.15
N GLY A 36 -12.88 2.87 21.16
CA GLY A 36 -12.33 2.44 22.44
C GLY A 36 -10.81 2.33 22.46
N PHE A 37 -10.18 2.71 21.35
CA PHE A 37 -8.73 2.73 21.21
C PHE A 37 -8.29 4.19 21.33
N ASN A 38 -8.11 4.62 22.58
CA ASN A 38 -7.78 6.01 22.87
C ASN A 38 -6.31 6.19 23.21
N LEU A 39 -5.61 6.96 22.38
CA LEU A 39 -4.20 7.26 22.59
C LEU A 39 -4.10 8.65 23.18
N SER A 40 -3.50 8.75 24.38
CA SER A 40 -3.44 10.01 25.09
C SER A 40 -2.49 10.97 24.38
N PRO A 41 -2.60 12.29 24.64
CA PRO A 41 -1.63 13.25 24.10
C PRO A 41 -0.18 12.93 24.49
N GLN A 42 0.03 12.43 25.70
CA GLN A 42 1.37 12.04 26.17
C GLN A 42 1.93 10.87 25.36
N GLU A 43 1.07 9.91 25.03
CA GLU A 43 1.45 8.73 24.23
C GLU A 43 1.83 9.06 22.80
N ILE A 44 1.01 9.87 22.11
CA ILE A 44 1.30 10.20 20.71
C ILE A 44 2.50 11.14 20.55
N GLN A 45 2.71 12.03 21.52
CA GLN A 45 3.90 12.89 21.56
C GLN A 45 5.15 12.05 21.74
N GLY A 46 5.08 11.02 22.59
CA GLY A 46 6.22 10.13 22.84
C GLY A 46 6.56 9.28 21.62
N LEU A 47 5.52 8.81 20.93
CA LEU A 47 5.70 7.99 19.75
C LEU A 47 6.32 8.80 18.62
N ALA A 48 5.78 10.01 18.40
CA ALA A 48 6.34 10.95 17.43
C ALA A 48 7.81 11.28 17.72
N ALA A 49 8.14 11.53 18.99
CA ALA A 49 9.52 11.72 19.44
C ALA A 49 10.37 10.48 19.16
N GLY A 50 9.74 9.32 19.27
CA GLY A 50 10.39 8.05 18.94
C GLY A 50 10.92 8.00 17.52
N PHE A 51 10.13 8.45 16.54
CA PHE A 51 10.58 8.44 15.15
C PHE A 51 11.78 9.36 14.92
N GLN A 52 11.91 10.41 15.73
CA GLN A 52 13.05 11.34 15.65
C GLN A 52 14.32 10.84 16.35
N ASP A 53 14.16 9.92 17.29
CA ASP A 53 15.28 9.27 17.99
C ASP A 53 14.89 7.80 18.25
N PRO A 54 14.87 6.98 17.17
CA PRO A 54 14.42 5.59 17.30
C PRO A 54 15.20 4.65 18.25
N PRO A 55 16.54 4.81 18.39
CA PRO A 55 17.17 3.86 19.32
C PRO A 55 16.66 3.99 20.77
N SER A 56 16.13 5.17 21.12
CA SER A 56 15.64 5.42 22.47
C SER A 56 14.37 4.62 22.80
N MET A 57 13.61 4.27 21.77
CA MET A 57 12.40 3.46 21.90
C MET A 57 12.63 2.05 22.46
N PHE A 58 13.84 1.51 22.33
CA PHE A 58 14.15 0.19 22.91
C PHE A 58 14.19 0.22 24.44
N GLY A 59 14.80 1.25 25.01
CA GLY A 59 14.86 1.45 26.46
C GLY A 59 13.50 1.70 27.09
N THR A 60 12.70 2.59 26.51
CA THR A 60 11.40 2.97 27.07
C THR A 60 10.29 1.94 26.79
N GLY A 61 10.42 1.24 25.66
CA GLY A 61 9.31 0.47 25.12
C GLY A 61 8.31 1.42 24.46
N ILE A 62 7.18 0.86 24.03
CA ILE A 62 6.13 1.63 23.35
C ILE A 62 4.87 1.66 24.22
N ILE A 63 4.45 2.83 24.67
CA ILE A 63 3.22 2.93 25.46
C ILE A 63 2.07 3.50 24.65
N LEU A 64 1.07 2.67 24.38
CA LEU A 64 -0.12 3.09 23.63
C LEU A 64 -1.38 2.56 24.28
N ALA A 65 -2.39 3.42 24.40
CA ALA A 65 -3.66 3.09 25.06
C ALA A 65 -3.43 2.42 26.41
N GLY A 66 -2.48 2.97 27.17
CA GLY A 66 -2.22 2.53 28.54
C GLY A 66 -1.53 1.19 28.69
N GLN A 67 -0.99 0.67 27.58
CA GLN A 67 -0.30 -0.63 27.60
C GLN A 67 1.12 -0.51 27.03
N LYS A 68 2.09 -1.11 27.71
CA LYS A 68 3.46 -1.13 27.22
C LYS A 68 3.74 -2.36 26.37
N TYR A 69 4.43 -2.14 25.25
CA TYR A 69 4.85 -3.22 24.36
C TYR A 69 6.38 -3.27 24.33
N ILE A 70 6.94 -4.47 24.22
CA ILE A 70 8.38 -4.64 24.00
C ILE A 70 8.74 -4.13 22.61
N THR A 71 9.69 -3.21 22.53
CA THR A 71 10.13 -2.70 21.23
C THR A 71 10.95 -3.77 20.47
N ILE A 72 10.50 -4.08 19.26
CA ILE A 72 11.10 -5.11 18.41
C ILE A 72 11.80 -4.51 17.20
N ARG A 73 11.25 -3.41 16.70
CA ARG A 73 11.87 -2.65 15.62
C ARG A 73 11.65 -1.17 15.88
N ALA A 74 12.71 -0.39 15.69
CA ALA A 74 12.64 1.06 15.79
C ALA A 74 13.61 1.68 14.79
N GLU A 75 13.06 2.32 13.76
CA GLU A 75 13.82 3.06 12.74
C GLU A 75 13.08 4.36 12.42
N GLY A 76 13.66 5.15 11.52
CA GLY A 76 13.08 6.43 11.11
C GLY A 76 11.60 6.41 10.78
N ARG A 77 11.15 5.41 10.05
CA ARG A 77 9.75 5.33 9.64
C ARG A 77 8.94 4.18 10.25
N SER A 78 9.63 3.24 10.90
CA SER A 78 8.96 2.03 11.42
C SER A 78 9.33 1.74 12.87
N ILE A 79 8.31 1.62 13.72
CA ILE A 79 8.43 1.21 15.12
C ILE A 79 7.44 0.08 15.41
N TYR A 80 7.96 -1.12 15.73
CA TYR A 80 7.13 -2.30 16.02
C TYR A 80 7.27 -2.72 17.45
N GLY A 81 6.18 -3.20 18.03
CA GLY A 81 6.17 -3.71 19.39
C GLY A 81 5.46 -5.05 19.51
N LYS A 82 5.82 -5.79 20.56
CA LYS A 82 5.13 -7.05 20.84
C LYS A 82 4.67 -7.14 22.29
N LEU A 83 3.56 -7.84 22.47
CA LEU A 83 3.05 -8.19 23.79
C LEU A 83 2.59 -9.62 23.64
N GLN A 84 3.50 -10.55 23.89
CA GLN A 84 3.30 -11.98 23.63
C GLN A 84 2.94 -12.24 22.17
N LYS A 85 1.72 -12.71 21.93
CA LYS A 85 1.26 -13.02 20.57
C LYS A 85 0.55 -11.83 19.92
N GLU A 86 0.33 -10.77 20.69
CA GLU A 86 -0.25 -9.54 20.16
C GLU A 86 0.86 -8.52 19.95
N GLY A 87 0.54 -7.43 19.28
CA GLY A 87 1.48 -6.33 19.13
C GLY A 87 0.93 -5.13 18.37
N ILE A 88 1.81 -4.15 18.13
CA ILE A 88 1.46 -2.95 17.37
C ILE A 88 2.50 -2.65 16.30
N ILE A 89 2.01 -2.11 15.18
CA ILE A 89 2.85 -1.67 14.09
C ILE A 89 2.57 -0.18 13.87
N CYS A 90 3.62 0.62 13.97
CA CYS A 90 3.55 2.06 13.75
C CYS A 90 4.43 2.43 12.57
N VAL A 91 3.84 3.08 11.57
CA VAL A 91 4.58 3.52 10.39
C VAL A 91 4.34 5.00 10.11
N ALA A 92 5.43 5.75 10.01
CA ALA A 92 5.35 7.16 9.68
C ALA A 92 5.28 7.35 8.17
N THR A 93 4.30 8.16 7.74
CA THR A 93 4.27 8.66 6.37
C THR A 93 4.85 10.07 6.41
N LYS A 94 4.58 10.88 5.40
CA LYS A 94 5.07 12.25 5.40
C LYS A 94 4.31 13.07 6.45
N LEU A 95 3.00 12.91 6.50
CA LEU A 95 2.15 13.73 7.37
C LEU A 95 1.53 13.01 8.57
N CYS A 96 1.54 11.68 8.56
CA CYS A 96 0.84 10.94 9.61
C CYS A 96 1.62 9.73 10.13
N ILE A 97 1.08 9.12 11.19
CA ILE A 97 1.57 7.88 11.74
C ILE A 97 0.38 6.93 11.80
N LEU A 98 0.51 5.79 11.12
CA LEU A 98 -0.46 4.71 11.21
C LEU A 98 -0.11 3.84 12.41
N VAL A 99 -1.12 3.56 13.24
CA VAL A 99 -0.96 2.68 14.39
C VAL A 99 -1.90 1.48 14.22
N SER A 100 -1.33 0.28 14.14
CA SER A 100 -2.11 -0.95 13.99
C SER A 100 -1.85 -1.93 15.12
N HIS A 101 -2.90 -2.27 15.86
CA HIS A 101 -2.81 -3.35 16.84
C HIS A 101 -3.28 -4.65 16.20
N TYR A 102 -2.55 -5.73 16.45
CA TYR A 102 -2.95 -7.03 15.93
C TYR A 102 -3.16 -8.03 17.07
N PRO A 103 -4.18 -8.92 16.94
CA PRO A 103 -4.46 -9.88 18.00
C PRO A 103 -3.61 -11.14 17.91
N GLU A 104 -3.85 -12.06 18.85
CA GLU A 104 -3.13 -13.33 18.96
C GLU A 104 -3.02 -14.09 17.64
N THR A 105 -4.11 -14.10 16.86
CA THR A 105 -4.21 -14.98 15.69
C THR A 105 -3.55 -14.46 14.40
N THR A 106 -3.11 -13.20 14.37
CA THR A 106 -2.36 -12.73 13.19
C THR A 106 -0.86 -12.69 13.47
N LEU A 107 -0.08 -13.13 12.49
CA LEU A 107 1.36 -13.09 12.60
C LEU A 107 1.82 -11.65 12.49
N PRO A 108 2.83 -11.26 13.30
CA PRO A 108 3.41 -9.92 13.22
C PRO A 108 3.73 -9.51 11.78
N GLY A 109 4.30 -10.44 11.00
CA GLY A 109 4.64 -10.20 9.60
C GLY A 109 3.46 -9.73 8.76
N GLU A 110 2.28 -10.32 9.00
CA GLU A 110 1.06 -9.94 8.28
C GLU A 110 0.69 -8.50 8.57
N ALA A 111 0.70 -8.16 9.86
CA ALA A 111 0.29 -6.84 10.33
C ALA A 111 1.27 -5.78 9.85
N ALA A 112 2.57 -6.10 9.89
CA ALA A 112 3.61 -5.20 9.40
C ALA A 112 3.42 -4.91 7.91
N LYS A 113 3.32 -5.99 7.12
CA LYS A 113 3.12 -5.93 5.68
C LYS A 113 1.97 -5.03 5.26
N ILE A 114 0.81 -5.23 5.87
CA ILE A 114 -0.40 -4.46 5.56
C ILE A 114 -0.23 -2.97 5.86
N THR A 115 0.21 -2.62 7.07
CA THR A 115 0.34 -1.20 7.43
C THR A 115 1.57 -0.51 6.81
N GLU A 116 2.64 -1.24 6.55
CA GLU A 116 3.74 -0.71 5.73
C GLU A 116 3.22 -0.35 4.33
N ALA A 117 2.37 -1.22 3.77
CA ALA A 117 1.82 -1.03 2.43
C ALA A 117 0.88 0.19 2.36
N LEU A 118 -0.05 0.29 3.30
CA LEU A 118 -0.92 1.46 3.40
C LEU A 118 -0.09 2.73 3.59
N ALA A 119 1.05 2.60 4.26
CA ALA A 119 1.94 3.74 4.46
C ALA A 119 2.55 4.24 3.14
N ASP A 120 3.16 3.33 2.37
CA ASP A 120 3.77 3.67 1.06
C ASP A 120 2.73 4.26 0.11
N TYR A 121 1.52 3.68 0.14
CA TYR A 121 0.39 4.18 -0.63
C TYR A 121 0.15 5.65 -0.28
N LEU A 122 0.00 5.91 1.02
CA LEU A 122 -0.18 7.28 1.51
C LEU A 122 0.98 8.20 1.14
N VAL A 123 2.22 7.71 1.22
CA VAL A 123 3.39 8.49 0.76
C VAL A 123 3.28 8.81 -0.73
N GLY A 124 2.92 7.80 -1.52
CA GLY A 124 2.70 7.95 -2.96
C GLY A 124 1.67 9.01 -3.30
N VAL A 125 0.59 9.07 -2.52
CA VAL A 125 -0.48 10.06 -2.71
C VAL A 125 -0.05 11.45 -2.22
N GLY A 126 0.91 11.49 -1.30
CA GLY A 126 1.47 12.75 -0.84
C GLY A 126 1.20 13.08 0.63
N TYR A 127 0.76 12.08 1.39
CA TYR A 127 0.37 12.29 2.79
C TYR A 127 1.35 11.61 3.76
N SER B 2 -14.50 -6.34 -3.37
CA SER B 2 -14.86 -5.73 -4.69
C SER B 2 -13.62 -5.30 -5.46
N TRP B 3 -13.41 -5.90 -6.64
CA TRP B 3 -12.31 -5.50 -7.52
C TRP B 3 -12.50 -4.12 -8.14
N GLN B 4 -13.73 -3.82 -8.57
CA GLN B 4 -14.02 -2.53 -9.21
C GLN B 4 -13.77 -1.35 -8.26
N ALA B 5 -14.03 -1.56 -6.97
CA ALA B 5 -13.72 -0.56 -5.94
C ALA B 5 -12.22 -0.25 -5.80
N TYR B 6 -11.37 -1.26 -6.03
CA TYR B 6 -9.92 -1.03 -6.02
C TYR B 6 -9.49 -0.10 -7.15
N VAL B 7 -10.19 -0.19 -8.29
CA VAL B 7 -9.97 0.74 -9.40
C VAL B 7 -10.55 2.12 -9.06
N ASP B 8 -11.84 2.17 -8.74
CA ASP B 8 -12.57 3.43 -8.51
C ASP B 8 -11.95 4.25 -7.37
N THR B 9 -11.84 3.64 -6.20
CA THR B 9 -11.37 4.35 -5.02
C THR B 9 -9.86 4.24 -4.85
N SER B 10 -9.35 3.01 -4.77
CA SER B 10 -7.95 2.81 -4.40
C SER B 10 -6.99 3.37 -5.44
N LEU B 11 -7.25 3.11 -6.72
CA LEU B 11 -6.36 3.58 -7.77
C LEU B 11 -6.70 4.98 -8.27
N LEU B 12 -7.89 5.16 -8.84
CA LEU B 12 -8.29 6.46 -9.41
C LEU B 12 -8.51 7.55 -8.35
N GLY B 13 -8.86 7.14 -7.13
CA GLY B 13 -9.08 8.09 -6.04
C GLY B 13 -7.83 8.80 -5.51
N THR B 14 -6.66 8.40 -6.00
CA THR B 14 -5.39 9.02 -5.61
C THR B 14 -5.16 10.35 -6.33
N GLY B 15 -5.94 10.56 -7.40
CA GLY B 15 -5.77 11.72 -8.27
C GLY B 15 -4.56 11.61 -9.19
N LYS B 16 -3.78 10.56 -9.02
CA LYS B 16 -2.50 10.41 -9.72
C LYS B 16 -2.50 9.29 -10.75
N ILE B 17 -3.53 8.45 -10.72
CA ILE B 17 -3.71 7.42 -11.72
C ILE B 17 -5.06 7.70 -12.36
N ASP B 18 -5.04 7.99 -13.66
CA ASP B 18 -6.22 8.52 -14.35
C ASP B 18 -7.06 7.43 -15.00
N ARG B 19 -6.42 6.31 -15.33
CA ARG B 19 -7.13 5.11 -15.77
C ARG B 19 -6.45 3.83 -15.26
N ALA B 20 -7.24 2.80 -15.00
CA ALA B 20 -6.72 1.58 -14.40
C ALA B 20 -7.58 0.36 -14.72
N ALA B 21 -6.95 -0.80 -14.70
CA ALA B 21 -7.66 -2.07 -14.83
C ALA B 21 -7.06 -3.10 -13.89
N ILE B 22 -7.85 -4.11 -13.55
CA ILE B 22 -7.34 -5.25 -12.82
C ILE B 22 -7.67 -6.49 -13.65
N VAL B 23 -6.63 -7.19 -14.10
CA VAL B 23 -6.82 -8.34 -14.97
C VAL B 23 -6.34 -9.63 -14.31
N SER B 24 -6.97 -10.73 -14.72
CA SER B 24 -6.62 -12.07 -14.30
C SER B 24 -5.14 -12.39 -14.52
N ARG B 25 -4.50 -13.02 -13.54
CA ARG B 25 -3.12 -13.48 -13.69
C ARG B 25 -2.91 -14.38 -14.91
N ALA B 26 -3.92 -15.19 -15.21
CA ALA B 26 -3.87 -16.10 -16.36
C ALA B 26 -4.09 -15.36 -17.69
N GLY B 27 -4.43 -14.08 -17.61
CA GLY B 27 -4.66 -13.24 -18.78
C GLY B 27 -5.91 -13.54 -19.57
N ASP B 28 -6.90 -14.16 -18.93
CA ASP B 28 -8.13 -14.58 -19.60
C ASP B 28 -9.37 -13.74 -19.29
N SER B 29 -9.25 -12.76 -18.40
CA SER B 29 -10.34 -11.79 -18.17
C SER B 29 -9.91 -10.52 -17.46
N VAL B 30 -10.70 -9.47 -17.67
CA VAL B 30 -10.56 -8.21 -16.97
C VAL B 30 -11.57 -8.23 -15.83
N TRP B 31 -11.05 -8.18 -14.60
CA TRP B 31 -11.92 -8.25 -13.41
C TRP B 31 -12.50 -6.89 -13.02
N ALA B 32 -11.78 -5.81 -13.36
CA ALA B 32 -12.22 -4.43 -13.14
C ALA B 32 -11.56 -3.50 -14.16
N ALA B 33 -12.27 -2.44 -14.54
CA ALA B 33 -11.74 -1.43 -15.47
C ALA B 33 -12.45 -0.09 -15.31
N SER B 34 -11.71 1.01 -15.37
CA SER B 34 -12.32 2.34 -15.36
C SER B 34 -12.94 2.63 -16.72
N ALA B 35 -14.00 3.42 -16.74
CA ALA B 35 -14.79 3.67 -17.96
C ALA B 35 -13.87 4.09 -19.11
N GLY B 36 -14.00 3.40 -20.24
CA GLY B 36 -13.28 3.77 -21.45
C GLY B 36 -11.83 3.34 -21.52
N PHE B 37 -11.33 2.67 -20.49
CA PHE B 37 -10.01 2.04 -20.54
C PHE B 37 -10.22 0.58 -20.96
N ASN B 38 -10.19 0.36 -22.28
CA ASN B 38 -10.50 -0.96 -22.85
C ASN B 38 -9.26 -1.76 -23.22
N LEU B 39 -9.02 -2.83 -22.48
CA LEU B 39 -7.91 -3.73 -22.77
C LEU B 39 -8.43 -4.96 -23.52
N SER B 40 -7.85 -5.19 -24.70
CA SER B 40 -8.28 -6.28 -25.56
C SER B 40 -7.84 -7.65 -25.05
N PRO B 41 -8.51 -8.72 -25.52
CA PRO B 41 -8.07 -10.08 -25.22
C PRO B 41 -6.60 -10.32 -25.58
N GLN B 42 -6.17 -9.87 -26.76
CA GLN B 42 -4.78 -10.06 -27.20
C GLN B 42 -3.82 -9.30 -26.28
N GLU B 43 -4.19 -8.08 -25.91
CA GLU B 43 -3.39 -7.27 -25.00
C GLU B 43 -3.20 -7.91 -23.63
N ILE B 44 -4.30 -8.39 -23.02
CA ILE B 44 -4.20 -9.00 -21.69
C ILE B 44 -3.51 -10.36 -21.69
N GLN B 45 -3.63 -11.10 -22.81
CA GLN B 45 -2.91 -12.37 -23.00
C GLN B 45 -1.41 -12.11 -23.06
N GLY B 46 -1.03 -11.11 -23.85
CA GLY B 46 0.37 -10.68 -23.98
C GLY B 46 1.00 -10.20 -22.69
N LEU B 47 0.24 -9.49 -21.88
CA LEU B 47 0.74 -8.98 -20.59
C LEU B 47 0.98 -10.14 -19.62
N ALA B 48 0.06 -11.08 -19.60
CA ALA B 48 0.15 -12.26 -18.74
C ALA B 48 1.37 -13.11 -19.10
N ALA B 49 1.65 -13.22 -20.39
CA ALA B 49 2.83 -13.95 -20.87
C ALA B 49 4.09 -13.24 -20.45
N GLY B 50 4.05 -11.91 -20.48
CA GLY B 50 5.15 -11.09 -19.99
C GLY B 50 5.50 -11.40 -18.54
N PHE B 51 4.50 -11.55 -17.69
CA PHE B 51 4.74 -11.86 -16.27
C PHE B 51 5.35 -13.24 -16.03
N GLN B 52 5.05 -14.19 -16.91
CA GLN B 52 5.66 -15.51 -16.86
C GLN B 52 7.12 -15.48 -17.34
N ASP B 53 7.46 -14.50 -18.17
CA ASP B 53 8.85 -14.29 -18.61
C ASP B 53 9.20 -12.80 -18.79
N PRO B 54 9.36 -12.07 -17.66
CA PRO B 54 9.49 -10.61 -17.66
C PRO B 54 10.58 -9.98 -18.56
N PRO B 55 11.80 -10.56 -18.60
CA PRO B 55 12.83 -9.98 -19.48
C PRO B 55 12.43 -9.90 -20.96
N SER B 56 11.41 -10.66 -21.37
CA SER B 56 10.93 -10.62 -22.75
C SER B 56 10.23 -9.30 -23.10
N MET B 57 9.74 -8.61 -22.09
CA MET B 57 8.98 -7.38 -22.29
C MET B 57 9.82 -6.23 -22.87
N PHE B 58 11.14 -6.28 -22.67
CA PHE B 58 12.05 -5.27 -23.21
C PHE B 58 12.14 -5.34 -24.74
N GLY B 59 12.02 -6.54 -25.30
CA GLY B 59 12.00 -6.71 -26.75
C GLY B 59 10.70 -6.24 -27.39
N THR B 60 9.58 -6.49 -26.71
CA THR B 60 8.24 -6.24 -27.26
C THR B 60 7.67 -4.86 -26.91
N GLY B 61 8.01 -4.35 -25.74
CA GLY B 61 7.30 -3.20 -25.19
C GLY B 61 6.08 -3.72 -24.44
N ILE B 62 5.28 -2.80 -23.93
CA ILE B 62 4.05 -3.15 -23.22
C ILE B 62 2.89 -2.58 -24.02
N ILE B 63 2.11 -3.49 -24.60
CA ILE B 63 1.07 -3.11 -25.53
C ILE B 63 -0.30 -3.18 -24.86
N LEU B 64 -0.88 -2.02 -24.63
CA LEU B 64 -2.13 -1.87 -23.89
C LEU B 64 -2.95 -0.71 -24.46
N ALA B 65 -4.26 -0.92 -24.55
CA ALA B 65 -5.21 0.05 -25.12
C ALA B 65 -4.71 0.65 -26.44
N GLY B 66 -4.16 -0.21 -27.30
CA GLY B 66 -3.74 0.17 -28.65
C GLY B 66 -2.40 0.86 -28.79
N GLN B 67 -1.69 1.01 -27.68
CA GLN B 67 -0.44 1.76 -27.67
C GLN B 67 0.73 0.95 -27.10
N LYS B 68 1.95 1.31 -27.47
CA LYS B 68 3.13 0.62 -26.99
C LYS B 68 3.93 1.47 -26.02
N TYR B 69 4.01 1.03 -24.77
CA TYR B 69 4.84 1.69 -23.77
C TYR B 69 6.25 1.09 -23.80
N ILE B 70 7.25 1.94 -23.72
CA ILE B 70 8.64 1.49 -23.72
C ILE B 70 8.95 0.89 -22.36
N THR B 71 9.27 -0.40 -22.35
CA THR B 71 9.56 -1.13 -21.13
C THR B 71 10.79 -0.55 -20.44
N ILE B 72 10.61 -0.16 -19.18
CA ILE B 72 11.65 0.52 -18.40
C ILE B 72 12.08 -0.35 -17.21
N ARG B 73 11.20 -1.29 -16.88
CA ARG B 73 11.44 -2.29 -15.85
C ARG B 73 10.56 -3.49 -16.16
N ALA B 74 11.13 -4.68 -16.00
CA ALA B 74 10.43 -5.93 -16.24
C ALA B 74 11.19 -7.02 -15.52
N GLU B 75 10.69 -7.38 -14.34
CA GLU B 75 11.38 -8.32 -13.44
C GLU B 75 10.56 -8.60 -12.18
N GLY B 76 10.56 -9.87 -11.76
CA GLY B 76 9.74 -10.31 -10.63
C GLY B 76 8.26 -10.08 -10.90
N ARG B 77 7.66 -9.19 -10.11
CA ARG B 77 6.22 -8.92 -10.14
C ARG B 77 5.89 -7.56 -10.78
N SER B 78 6.91 -6.87 -11.28
CA SER B 78 6.77 -5.49 -11.73
C SER B 78 7.16 -5.28 -13.19
N ILE B 79 6.22 -4.75 -13.97
CA ILE B 79 6.47 -4.38 -15.36
C ILE B 79 6.01 -2.94 -15.58
N TYR B 80 6.98 -2.06 -15.83
CA TYR B 80 6.77 -0.61 -15.95
C TYR B 80 7.12 -0.18 -17.36
N GLY B 81 6.35 0.76 -17.91
CA GLY B 81 6.64 1.34 -19.21
C GLY B 81 6.42 2.84 -19.29
N LYS B 82 6.91 3.44 -20.38
CA LYS B 82 6.80 4.88 -20.60
C LYS B 82 6.34 5.16 -22.03
N LEU B 83 5.43 6.11 -22.17
CA LEU B 83 5.08 6.66 -23.48
C LEU B 83 5.18 8.17 -23.41
N GLN B 84 6.31 8.68 -23.89
CA GLN B 84 6.76 10.06 -23.64
C GLN B 84 6.78 10.31 -22.14
N LYS B 85 5.87 11.16 -21.67
CA LYS B 85 5.83 11.51 -20.26
C LYS B 85 4.68 10.84 -19.50
N GLU B 86 3.86 10.08 -20.23
CA GLU B 86 2.86 9.20 -19.63
C GLU B 86 3.48 7.81 -19.47
N GLY B 87 2.76 6.91 -18.80
CA GLY B 87 3.21 5.53 -18.64
C GLY B 87 2.21 4.65 -17.93
N ILE B 88 2.56 3.36 -17.84
CA ILE B 88 1.79 2.36 -17.10
C ILE B 88 2.68 1.65 -16.08
N ILE B 89 2.06 1.25 -14.98
CA ILE B 89 2.68 0.44 -13.96
C ILE B 89 1.86 -0.83 -13.86
N CYS B 90 2.50 -1.97 -14.06
CA CYS B 90 1.82 -3.27 -13.98
C CYS B 90 2.46 -4.10 -12.88
N VAL B 91 1.67 -4.45 -11.86
CA VAL B 91 2.15 -5.24 -10.74
C VAL B 91 1.27 -6.49 -10.55
N ALA B 92 1.92 -7.65 -10.53
CA ALA B 92 1.22 -8.92 -10.31
C ALA B 92 1.14 -9.23 -8.81
N THR B 93 -0.05 -9.64 -8.36
CA THR B 93 -0.20 -10.19 -7.01
C THR B 93 -0.24 -11.71 -7.14
N LYS B 94 -0.82 -12.35 -6.13
CA LYS B 94 -1.04 -13.79 -6.16
C LYS B 94 -2.04 -14.14 -7.27
N LEU B 95 -3.14 -13.38 -7.33
CA LEU B 95 -4.26 -13.69 -8.20
C LEU B 95 -4.40 -12.80 -9.43
N CYS B 96 -3.94 -11.54 -9.33
CA CYS B 96 -4.27 -10.54 -10.35
C CYS B 96 -3.07 -9.70 -10.81
N ILE B 97 -3.28 -8.98 -11.90
CA ILE B 97 -2.35 -7.96 -12.37
C ILE B 97 -3.06 -6.60 -12.23
N LEU B 98 -2.41 -5.70 -11.50
CA LEU B 98 -2.88 -4.31 -11.39
C LEU B 98 -2.30 -3.52 -12.56
N VAL B 99 -3.17 -2.86 -13.32
CA VAL B 99 -2.72 -2.05 -14.45
C VAL B 99 -3.07 -0.59 -14.17
N SER B 100 -2.04 0.23 -13.96
CA SER B 100 -2.20 1.65 -13.66
C SER B 100 -1.57 2.51 -14.74
N HIS B 101 -2.36 3.42 -15.29
CA HIS B 101 -1.85 4.41 -16.23
C HIS B 101 -1.75 5.74 -15.50
N TYR B 102 -0.70 6.51 -15.79
CA TYR B 102 -0.54 7.85 -15.22
C TYR B 102 -0.25 8.89 -16.31
N PRO B 103 -0.87 10.08 -16.20
CA PRO B 103 -0.59 11.18 -17.13
C PRO B 103 0.75 11.84 -16.82
N GLU B 104 1.12 12.85 -17.61
CA GLU B 104 2.41 13.54 -17.47
C GLU B 104 2.47 14.44 -16.23
N THR B 105 1.33 14.68 -15.61
CA THR B 105 1.27 15.52 -14.42
C THR B 105 1.67 14.77 -13.16
N THR B 106 1.77 13.43 -13.24
CA THR B 106 2.23 12.66 -12.10
C THR B 106 3.61 12.06 -12.29
N LEU B 107 4.42 12.14 -11.23
CA LEU B 107 5.75 11.52 -11.19
C LEU B 107 5.65 10.00 -11.32
N PRO B 108 6.46 9.41 -12.21
CA PRO B 108 6.48 7.95 -12.41
C PRO B 108 6.74 7.20 -11.10
N GLY B 109 7.55 7.78 -10.22
CA GLY B 109 7.87 7.17 -8.93
C GLY B 109 6.65 7.06 -8.04
N GLU B 110 5.78 8.06 -8.13
CA GLU B 110 4.58 8.11 -7.31
C GLU B 110 3.55 7.10 -7.78
N ALA B 111 3.36 6.99 -9.11
CA ALA B 111 2.49 5.97 -9.67
C ALA B 111 2.99 4.57 -9.32
N ALA B 112 4.30 4.35 -9.48
CA ALA B 112 4.93 3.09 -9.12
C ALA B 112 4.65 2.74 -7.66
N LYS B 113 4.85 3.72 -6.79
CA LYS B 113 4.72 3.50 -5.36
C LYS B 113 3.30 3.15 -4.96
N ILE B 114 2.32 3.85 -5.53
CA ILE B 114 0.91 3.62 -5.20
C ILE B 114 0.48 2.20 -5.58
N THR B 115 0.87 1.74 -6.75
CA THR B 115 0.37 0.45 -7.20
C THR B 115 1.20 -0.73 -6.69
N GLU B 116 2.50 -0.51 -6.43
CA GLU B 116 3.29 -1.49 -5.68
C GLU B 116 2.71 -1.69 -4.28
N ALA B 117 2.37 -0.58 -3.62
CA ALA B 117 1.82 -0.60 -2.27
C ALA B 117 0.51 -1.38 -2.21
N LEU B 118 -0.39 -1.07 -3.13
CA LEU B 118 -1.65 -1.76 -3.27
C LEU B 118 -1.48 -3.26 -3.55
N ALA B 119 -0.42 -3.61 -4.29
CA ALA B 119 -0.07 -5.00 -4.50
C ALA B 119 0.40 -5.66 -3.19
N ASP B 120 1.25 -4.97 -2.43
CA ASP B 120 1.70 -5.45 -1.13
C ASP B 120 0.52 -5.63 -0.19
N TYR B 121 -0.39 -4.65 -0.21
CA TYR B 121 -1.62 -4.71 0.57
C TYR B 121 -2.44 -5.96 0.20
N LEU B 122 -2.70 -6.15 -1.09
CA LEU B 122 -3.50 -7.30 -1.56
C LEU B 122 -2.85 -8.63 -1.18
N VAL B 123 -1.52 -8.71 -1.34
CA VAL B 123 -0.77 -9.90 -0.96
C VAL B 123 -0.81 -10.09 0.56
N GLY B 124 -0.71 -8.97 1.29
CA GLY B 124 -0.76 -8.98 2.75
C GLY B 124 -2.07 -9.51 3.30
N VAL B 125 -3.17 -9.08 2.67
CA VAL B 125 -4.52 -9.52 3.04
C VAL B 125 -4.82 -10.94 2.54
N GLY B 126 -4.13 -11.37 1.48
CA GLY B 126 -4.22 -12.75 1.00
C GLY B 126 -4.81 -12.94 -0.40
N TYR B 127 -4.58 -11.97 -1.28
CA TYR B 127 -5.19 -11.96 -2.61
C TYR B 127 -4.22 -11.56 -3.75
NA NA C . 10.32 -2.35 27.52
NA NA D . 6.92 -6.43 5.66
NA NA E . 10.88 -2.16 7.57
NA NA F . -3.58 -3.96 -29.55
NA NA G . 2.61 3.75 -29.19
NA NA H . -5.50 -5.71 -29.47
NA NA I . 10.52 -1.74 -25.09
NA NA J . 14.85 -7.84 -2.46
NA NA K . -9.46 21.09 -15.15
#